data_8X5T
#
_entry.id   8X5T
#
_cell.length_a   120.315
_cell.length_b   120.315
_cell.length_c   185.981
_cell.angle_alpha   90.00
_cell.angle_beta   90.00
_cell.angle_gamma   120.00
#
_symmetry.space_group_name_H-M   'P 61 2 2'
#
loop_
_entity.id
_entity.type
_entity.pdbx_description
1 polymer 'Peptidyl-tRNA hydrolase'
2 non-polymer 'ADENOSINE MONOPHOSPHATE'
3 non-polymer 'L(+)-TARTARIC ACID'
4 non-polymer GLYCEROL
5 water water
#
_entity_poly.entity_id   1
_entity_poly.type   'polypeptide(L)'
_entity_poly.pdbx_seq_one_letter_code
;GSHMMFLVVGQGNPGERYARTRHNLGFMVLDRLGLSFRPRGEALVAEAEGGLFLKPLTYYNLTGRAVAPLARFYKIPPER
ILVVHDEMDLPLGRIRFKAGGSAAGNRGVLSIEEALGTRAFHRLRLGIGKPPDPSRGAEYVLSPFREEELPVVERVLEAA
KEAVWCWVREGLPPCAGRFNGLDLSLG
;
_entity_poly.pdbx_strand_id   A,B,C
#
loop_
_chem_comp.id
_chem_comp.type
_chem_comp.name
_chem_comp.formula
AMP non-polymer 'ADENOSINE MONOPHOSPHATE' 'C10 H14 N5 O7 P'
GOL non-polymer GLYCEROL 'C3 H8 O3'
TLA non-polymer 'L(+)-TARTARIC ACID' 'C4 H6 O6'
#
# COMPACT_ATOMS: atom_id res chain seq x y z
N SER A 2 -7.35 14.88 15.17
CA SER A 2 -7.65 13.45 15.49
C SER A 2 -6.36 12.59 15.42
N HIS A 3 -6.09 12.00 16.57
CA HIS A 3 -5.21 10.82 16.70
C HIS A 3 -6.21 9.67 17.01
N MET A 4 -6.09 8.59 16.31
CA MET A 4 -7.11 7.51 16.47
C MET A 4 -6.34 6.30 16.86
N MET A 5 -6.71 5.65 17.92
CA MET A 5 -5.97 4.62 18.60
C MET A 5 -6.24 3.22 17.96
N PHE A 6 -7.40 3.08 17.30
CA PHE A 6 -7.84 1.73 16.85
C PHE A 6 -8.94 1.85 15.77
N LEU A 7 -9.25 0.78 15.06
CA LEU A 7 -10.40 0.73 14.20
C LEU A 7 -11.14 -0.52 14.54
N VAL A 8 -12.45 -0.46 14.78
CA VAL A 8 -13.29 -1.67 14.87
C VAL A 8 -14.20 -1.65 13.63
N VAL A 9 -14.21 -2.72 12.85
CA VAL A 9 -14.90 -2.78 11.60
C VAL A 9 -15.97 -3.87 11.69
N GLY A 10 -17.21 -3.53 11.35
CA GLY A 10 -18.25 -4.53 11.26
C GLY A 10 -18.52 -4.94 9.82
N GLN A 11 -18.35 -6.21 9.53
CA GLN A 11 -18.69 -6.72 8.21
C GLN A 11 -20.18 -6.76 8.01
N GLY A 12 -20.58 -6.35 6.76
CA GLY A 12 -21.99 -6.41 6.36
C GLY A 12 -22.15 -5.79 5.00
N ASN A 13 -23.42 -5.82 4.55
CA ASN A 13 -23.85 -5.09 3.37
C ASN A 13 -24.86 -4.04 3.74
N PRO A 14 -24.85 -2.91 3.02
CA PRO A 14 -25.80 -1.80 3.32
C PRO A 14 -27.12 -2.10 2.71
N GLY A 15 -28.16 -1.56 3.33
CA GLY A 15 -29.49 -1.72 2.77
C GLY A 15 -30.42 -2.58 3.54
N GLU A 16 -31.74 -2.28 3.49
CA GLU A 16 -32.68 -3.11 4.22
C GLU A 16 -32.74 -4.51 3.91
N ARG A 17 -32.49 -4.89 2.65
CA ARG A 17 -32.65 -6.26 2.39
C ARG A 17 -31.56 -7.25 2.93
N TYR A 18 -30.49 -6.54 3.34
CA TYR A 18 -29.37 -7.28 4.02
C TYR A 18 -29.32 -7.23 5.47
N ALA A 19 -30.06 -6.33 6.06
CA ALA A 19 -29.95 -6.04 7.46
C ALA A 19 -30.08 -7.16 8.39
N ARG A 20 -30.91 -8.16 8.08
CA ARG A 20 -31.16 -9.32 8.91
C ARG A 20 -30.48 -10.59 8.43
N THR A 21 -29.56 -10.45 7.48
CA THR A 21 -28.92 -11.61 6.90
C THR A 21 -27.73 -12.06 7.80
N ARG A 22 -27.35 -13.30 7.68
CA ARG A 22 -26.23 -13.82 8.39
C ARG A 22 -24.93 -13.06 8.18
N HIS A 23 -24.74 -12.61 6.97
CA HIS A 23 -23.56 -11.81 6.59
C HIS A 23 -23.54 -10.42 7.22
N ASN A 24 -24.63 -10.03 7.93
CA ASN A 24 -24.69 -8.74 8.60
C ASN A 24 -24.43 -8.86 10.12
N LEU A 25 -24.00 -10.01 10.59
CA LEU A 25 -23.73 -10.08 12.03
C LEU A 25 -22.78 -8.98 12.49
N GLY A 26 -21.76 -8.62 11.74
CA GLY A 26 -20.83 -7.58 12.15
C GLY A 26 -21.52 -6.24 12.28
N PHE A 27 -22.40 -5.83 11.33
CA PHE A 27 -23.17 -4.62 11.48
C PHE A 27 -24.06 -4.71 12.73
N MET A 28 -24.69 -5.85 12.94
CA MET A 28 -25.55 -6.03 14.12
C MET A 28 -24.75 -5.81 15.40
N VAL A 29 -23.54 -6.24 15.48
CA VAL A 29 -22.72 -6.01 16.71
C VAL A 29 -22.44 -4.56 16.80
N LEU A 30 -21.99 -3.89 15.74
CA LEU A 30 -21.66 -2.45 15.80
C LEU A 30 -22.90 -1.66 16.21
N ASP A 31 -24.10 -2.09 15.76
CA ASP A 31 -25.38 -1.34 16.16
C ASP A 31 -25.65 -1.67 17.59
N ARG A 32 -25.20 -2.70 18.23
CA ARG A 32 -25.44 -3.00 19.63
C ARG A 32 -24.60 -2.12 20.52
N LEU A 33 -23.56 -1.44 20.02
CA LEU A 33 -22.62 -0.62 20.83
C LEU A 33 -23.28 0.65 21.32
N GLY A 34 -24.43 1.05 20.79
CA GLY A 34 -24.99 2.27 21.25
C GLY A 34 -24.43 3.55 20.83
N LEU A 35 -23.75 3.57 19.75
CA LEU A 35 -23.02 4.72 19.25
C LEU A 35 -23.81 5.44 18.19
N SER A 36 -23.35 6.67 17.93
CA SER A 36 -23.93 7.53 16.88
C SER A 36 -23.04 7.55 15.61
N PHE A 37 -23.52 6.80 14.60
CA PHE A 37 -22.77 6.65 13.36
C PHE A 37 -23.20 7.73 12.37
N ARG A 38 -22.29 8.25 11.64
CA ARG A 38 -22.64 9.23 10.54
C ARG A 38 -21.77 8.91 9.35
N PRO A 39 -22.19 9.39 8.20
CA PRO A 39 -21.46 9.12 6.98
C PRO A 39 -20.19 9.81 6.90
N ARG A 40 -19.14 9.08 6.53
CA ARG A 40 -17.87 9.60 6.31
C ARG A 40 -17.12 8.80 5.30
N GLY A 41 -16.84 9.33 4.14
CA GLY A 41 -16.31 8.48 3.08
C GLY A 41 -17.28 7.37 2.74
N GLU A 42 -16.71 6.19 2.39
CA GLU A 42 -17.55 5.09 1.99
C GLU A 42 -17.91 4.22 3.26
N ALA A 43 -18.32 4.87 4.35
CA ALA A 43 -18.57 4.18 5.60
C ALA A 43 -19.56 4.97 6.45
N LEU A 44 -20.25 4.31 7.38
CA LEU A 44 -20.80 4.98 8.54
C LEU A 44 -19.77 4.85 9.66
N VAL A 45 -19.49 5.92 10.38
CA VAL A 45 -18.39 5.99 11.29
C VAL A 45 -18.90 6.52 12.64
N ALA A 46 -18.42 6.01 13.75
CA ALA A 46 -18.67 6.51 15.08
C ALA A 46 -17.38 6.62 15.82
N GLU A 47 -17.28 7.50 16.79
CA GLU A 47 -16.04 7.68 17.56
C GLU A 47 -16.32 7.39 18.99
N ALA A 48 -15.45 6.67 19.69
CA ALA A 48 -15.58 6.38 21.07
C ALA A 48 -14.20 5.90 21.56
N GLU A 49 -13.85 6.16 22.82
CA GLU A 49 -12.68 5.60 23.46
C GLU A 49 -11.37 5.88 22.67
N GLY A 50 -11.35 6.99 21.94
CA GLY A 50 -10.15 7.34 21.21
C GLY A 50 -9.90 6.62 19.93
N GLY A 51 -10.88 5.87 19.45
CA GLY A 51 -10.76 5.22 18.19
C GLY A 51 -12.00 5.34 17.36
N LEU A 52 -12.10 4.58 16.28
CA LEU A 52 -13.11 4.67 15.26
C LEU A 52 -13.82 3.34 15.09
N PHE A 53 -15.12 3.38 14.91
CA PHE A 53 -15.94 2.22 14.67
C PHE A 53 -16.61 2.36 13.32
N LEU A 54 -16.57 1.41 12.43
CA LEU A 54 -16.98 1.56 11.04
C LEU A 54 -17.89 0.48 10.61
N LYS A 55 -19.02 0.90 9.95
CA LYS A 55 -19.85 0.01 9.15
C LYS A 55 -19.64 0.45 7.69
N PRO A 56 -18.74 -0.21 6.94
CA PRO A 56 -18.51 0.27 5.59
C PRO A 56 -19.74 0.17 4.76
N LEU A 57 -19.86 1.10 3.78
CA LEU A 57 -20.96 1.11 2.80
C LEU A 57 -20.49 0.62 1.44
N THR A 58 -19.37 -0.05 1.41
CA THR A 58 -18.77 -0.57 0.24
C THR A 58 -19.37 -1.79 -0.40
N TYR A 59 -20.18 -2.53 0.39
CA TYR A 59 -20.51 -3.93 0.23
C TYR A 59 -19.44 -4.85 0.81
N TYR A 60 -19.87 -6.05 1.17
CA TYR A 60 -19.12 -6.91 2.09
C TYR A 60 -17.72 -7.21 1.55
N ASN A 61 -17.60 -7.46 0.23
CA ASN A 61 -16.32 -7.95 -0.34
C ASN A 61 -15.45 -6.80 -0.79
N LEU A 62 -15.80 -5.60 -0.41
CA LEU A 62 -15.03 -4.39 -0.80
C LEU A 62 -14.64 -3.56 0.41
N THR A 63 -14.83 -4.09 1.65
CA THR A 63 -14.65 -3.28 2.87
C THR A 63 -13.20 -2.87 3.03
N GLY A 64 -12.23 -3.62 2.47
CA GLY A 64 -10.84 -3.13 2.52
C GLY A 64 -10.60 -1.81 1.96
N ARG A 65 -11.41 -1.40 1.00
CA ARG A 65 -11.23 -0.05 0.42
C ARG A 65 -11.61 1.06 1.39
N ALA A 66 -12.46 0.76 2.36
CA ALA A 66 -12.79 1.76 3.37
C ALA A 66 -11.79 1.68 4.55
N VAL A 67 -11.37 0.48 4.85
CA VAL A 67 -10.55 0.27 6.07
C VAL A 67 -9.14 0.72 5.85
N ALA A 68 -8.50 0.30 4.74
CA ALA A 68 -7.07 0.57 4.58
C ALA A 68 -6.71 2.00 4.51
N PRO A 69 -7.39 2.87 3.77
CA PRO A 69 -6.95 4.25 3.79
C PRO A 69 -7.06 4.90 5.10
N LEU A 70 -8.07 4.50 5.89
CA LEU A 70 -8.23 5.03 7.20
C LEU A 70 -7.11 4.62 8.12
N ALA A 71 -6.75 3.32 8.12
CA ALA A 71 -5.69 2.87 8.93
C ALA A 71 -4.39 3.57 8.57
N ARG A 72 -4.12 3.74 7.27
CA ARG A 72 -2.85 4.41 6.84
C ARG A 72 -2.88 5.82 7.27
N PHE A 73 -3.98 6.53 7.13
CA PHE A 73 -4.08 7.99 7.48
C PHE A 73 -3.77 8.23 8.92
N TYR A 74 -4.28 7.37 9.82
CA TYR A 74 -4.10 7.49 11.23
C TYR A 74 -2.90 6.63 11.80
N LYS A 75 -2.16 6.03 10.97
CA LYS A 75 -0.98 5.25 11.31
C LYS A 75 -1.30 4.18 12.32
N ILE A 76 -2.44 3.50 12.10
CA ILE A 76 -2.94 2.50 13.04
C ILE A 76 -2.30 1.16 12.66
N PRO A 77 -1.59 0.47 13.55
CA PRO A 77 -0.96 -0.79 13.24
C PRO A 77 -2.07 -1.84 13.08
N PRO A 78 -1.83 -2.91 12.32
CA PRO A 78 -2.91 -3.87 12.06
C PRO A 78 -3.45 -4.53 13.27
N GLU A 79 -2.63 -4.74 14.32
CA GLU A 79 -3.15 -5.37 15.54
C GLU A 79 -4.11 -4.50 16.27
N ARG A 80 -4.25 -3.23 15.94
CA ARG A 80 -5.29 -2.37 16.49
C ARG A 80 -6.39 -2.14 15.48
N ILE A 81 -6.63 -3.11 14.62
CA ILE A 81 -7.81 -3.21 13.72
C ILE A 81 -8.48 -4.49 14.10
N LEU A 82 -9.76 -4.37 14.52
CA LEU A 82 -10.59 -5.58 14.81
C LEU A 82 -11.70 -5.69 13.78
N VAL A 83 -11.75 -6.81 13.10
CA VAL A 83 -12.85 -7.04 12.14
C VAL A 83 -13.81 -8.04 12.74
N VAL A 84 -15.05 -7.59 12.91
CA VAL A 84 -16.13 -8.38 13.47
C VAL A 84 -16.92 -8.98 12.34
N HIS A 85 -16.99 -10.30 12.25
CA HIS A 85 -17.62 -10.92 11.05
C HIS A 85 -18.21 -12.25 11.39
N ASP A 86 -19.19 -12.60 10.57
CA ASP A 86 -19.69 -13.94 10.54
C ASP A 86 -18.70 -14.92 9.94
N GLU A 87 -18.72 -16.16 10.49
CA GLU A 87 -17.71 -17.21 10.14
C GLU A 87 -18.40 -18.51 9.92
N MET A 88 -18.39 -18.93 8.64
CA MET A 88 -18.98 -20.22 8.31
C MET A 88 -18.19 -21.39 8.89
N ASP A 89 -16.92 -21.24 9.15
CA ASP A 89 -16.10 -22.32 9.68
C ASP A 89 -16.19 -22.52 11.15
N LEU A 90 -17.13 -21.87 11.91
CA LEU A 90 -17.46 -22.15 13.23
C LEU A 90 -19.00 -22.32 13.31
N PRO A 91 -19.50 -23.20 14.15
CA PRO A 91 -20.92 -23.27 14.34
C PRO A 91 -21.54 -22.08 15.04
N LEU A 92 -22.83 -21.84 14.85
CA LEU A 92 -23.56 -20.83 15.56
C LEU A 92 -23.49 -21.12 17.04
N GLY A 93 -23.17 -20.04 17.79
CA GLY A 93 -22.94 -20.13 19.22
C GLY A 93 -21.50 -19.93 19.59
N ARG A 94 -20.57 -20.16 18.66
CA ARG A 94 -19.15 -19.91 18.94
C ARG A 94 -18.81 -18.48 18.64
N ILE A 95 -17.89 -17.93 19.43
CA ILE A 95 -17.39 -16.53 19.39
C ILE A 95 -15.93 -16.65 19.64
N ARG A 96 -15.07 -16.37 18.65
CA ARG A 96 -13.62 -16.61 18.80
C ARG A 96 -12.86 -15.42 18.27
N PHE A 97 -12.05 -14.82 19.11
CA PHE A 97 -11.01 -13.91 18.67
C PHE A 97 -9.96 -14.71 17.95
N LYS A 98 -9.40 -14.11 16.89
CA LYS A 98 -8.26 -14.68 16.19
C LYS A 98 -7.37 -13.57 15.71
N ALA A 99 -6.04 -13.79 15.91
CA ALA A 99 -5.01 -12.91 15.33
C ALA A 99 -4.46 -13.52 14.10
N GLY A 100 -4.57 -12.76 13.02
CA GLY A 100 -4.07 -13.25 11.75
C GLY A 100 -4.71 -14.49 11.22
N GLY A 101 -3.92 -15.24 10.41
CA GLY A 101 -4.43 -16.42 9.76
C GLY A 101 -5.24 -16.22 8.47
N SER A 102 -5.61 -17.36 7.92
CA SER A 102 -6.33 -17.35 6.65
C SER A 102 -7.74 -16.78 6.79
N ALA A 103 -8.24 -16.27 5.69
CA ALA A 103 -9.61 -15.78 5.64
C ALA A 103 -10.62 -16.93 5.61
N ALA A 104 -10.22 -18.15 5.42
CA ALA A 104 -11.15 -19.26 5.35
C ALA A 104 -12.25 -19.08 4.29
N GLY A 105 -11.91 -18.41 3.20
CA GLY A 105 -12.82 -18.12 2.12
C GLY A 105 -13.74 -16.95 2.27
N ASN A 106 -13.68 -16.30 3.44
CA ASN A 106 -14.53 -15.13 3.64
C ASN A 106 -14.02 -13.99 2.82
N ARG A 107 -14.78 -13.56 1.86
CA ARG A 107 -14.30 -12.63 0.83
C ARG A 107 -14.20 -11.21 1.42
N GLY A 108 -14.89 -10.93 2.53
CA GLY A 108 -14.71 -9.64 3.17
C GLY A 108 -13.43 -9.52 3.98
N VAL A 109 -13.14 -10.55 4.76
CA VAL A 109 -11.86 -10.66 5.43
C VAL A 109 -10.73 -10.65 4.41
N LEU A 110 -10.87 -11.38 3.29
CA LEU A 110 -9.90 -11.26 2.20
C LEU A 110 -9.73 -9.90 1.69
N SER A 111 -10.80 -9.11 1.53
CA SER A 111 -10.77 -7.70 1.02
C SER A 111 -9.81 -6.90 1.89
N ILE A 112 -9.97 -7.08 3.22
CA ILE A 112 -9.19 -6.31 4.21
C ILE A 112 -7.73 -6.73 4.20
N GLU A 113 -7.51 -8.05 4.19
CA GLU A 113 -6.15 -8.58 4.09
C GLU A 113 -5.44 -8.09 2.87
N GLU A 114 -6.12 -8.06 1.74
CA GLU A 114 -5.54 -7.63 0.45
C GLU A 114 -5.26 -6.18 0.55
N ALA A 115 -6.20 -5.38 1.00
CA ALA A 115 -6.07 -3.92 0.98
C ALA A 115 -5.00 -3.44 1.96
N LEU A 116 -4.91 -4.05 3.14
CA LEU A 116 -3.88 -3.78 4.11
C LEU A 116 -2.51 -4.26 3.69
N GLY A 117 -2.49 -5.34 2.87
CA GLY A 117 -1.28 -6.01 2.56
C GLY A 117 -0.70 -6.86 3.63
N THR A 118 -1.52 -7.28 4.64
CA THR A 118 -1.12 -8.14 5.73
C THR A 118 -2.34 -8.91 6.29
N ARG A 119 -2.03 -10.04 6.87
CA ARG A 119 -2.96 -10.80 7.72
C ARG A 119 -3.04 -10.33 9.12
N ALA A 120 -2.15 -9.46 9.53
CA ALA A 120 -1.89 -9.27 10.97
C ALA A 120 -3.01 -8.59 11.74
N PHE A 121 -4.12 -8.21 11.14
CA PHE A 121 -5.24 -7.63 11.87
C PHE A 121 -5.96 -8.70 12.66
N HIS A 122 -6.68 -8.22 13.67
CA HIS A 122 -7.48 -9.06 14.56
C HIS A 122 -8.89 -9.27 14.03
N ARG A 123 -9.47 -10.41 14.40
CA ARG A 123 -10.85 -10.75 14.03
C ARG A 123 -11.60 -11.22 15.22
N LEU A 124 -12.90 -10.89 15.22
CA LEU A 124 -13.86 -11.43 16.16
C LEU A 124 -14.82 -12.27 15.32
N ARG A 125 -14.58 -13.57 15.33
CA ARG A 125 -15.24 -14.53 14.43
C ARG A 125 -16.51 -15.01 15.12
N LEU A 126 -17.67 -14.79 14.51
CA LEU A 126 -18.98 -15.13 15.07
C LEU A 126 -19.49 -16.25 14.22
N GLY A 127 -19.49 -17.45 14.77
CA GLY A 127 -19.93 -18.64 14.00
C GLY A 127 -21.33 -18.59 13.46
N ILE A 128 -21.52 -19.08 12.22
CA ILE A 128 -22.86 -19.21 11.66
C ILE A 128 -23.07 -20.57 11.07
N GLY A 129 -22.15 -21.46 11.16
CA GLY A 129 -22.31 -22.76 10.50
C GLY A 129 -22.17 -22.56 8.97
N LYS A 130 -22.40 -23.69 8.31
CA LYS A 130 -22.26 -23.70 6.80
C LYS A 130 -23.31 -24.52 6.22
N PRO A 131 -23.71 -24.29 4.94
CA PRO A 131 -24.69 -25.21 4.37
C PRO A 131 -24.13 -26.53 4.16
N PRO A 132 -25.01 -27.56 3.89
CA PRO A 132 -24.49 -28.89 3.61
C PRO A 132 -23.78 -29.07 2.29
N ASP A 133 -23.99 -28.18 1.33
CA ASP A 133 -23.30 -28.19 0.17
C ASP A 133 -22.70 -26.81 -0.03
N PRO A 134 -21.43 -26.76 -0.20
CA PRO A 134 -20.75 -25.55 -0.32
C PRO A 134 -21.12 -24.69 -1.51
N SER A 135 -21.75 -25.34 -2.49
CA SER A 135 -22.19 -24.58 -3.64
C SER A 135 -23.41 -23.72 -3.43
N ARG A 136 -23.99 -23.72 -2.24
CA ARG A 136 -24.96 -22.73 -1.91
C ARG A 136 -24.58 -21.88 -0.71
N GLY A 137 -23.29 -21.63 -0.61
CA GLY A 137 -22.77 -20.71 0.39
C GLY A 137 -23.21 -19.28 0.22
N ALA A 138 -23.33 -18.75 -1.00
CA ALA A 138 -23.68 -17.37 -1.19
C ALA A 138 -25.13 -17.18 -0.73
N GLU A 139 -26.04 -18.11 -1.03
CA GLU A 139 -27.40 -18.02 -0.62
C GLU A 139 -27.45 -18.13 0.94
N TYR A 140 -26.67 -18.96 1.50
CA TYR A 140 -26.70 -19.21 2.95
C TYR A 140 -26.37 -17.95 3.72
N VAL A 141 -25.28 -17.28 3.28
CA VAL A 141 -24.87 -16.04 4.01
C VAL A 141 -25.75 -14.91 3.81
N LEU A 142 -26.43 -14.88 2.61
CA LEU A 142 -27.37 -13.77 2.29
C LEU A 142 -28.83 -14.08 2.68
N SER A 143 -29.02 -15.05 3.54
CA SER A 143 -30.33 -15.52 4.08
C SER A 143 -30.43 -14.96 5.49
N PRO A 144 -31.63 -14.74 6.01
CA PRO A 144 -31.83 -14.57 7.46
C PRO A 144 -31.53 -15.92 8.17
N PHE A 145 -31.33 -15.74 9.50
CA PHE A 145 -31.24 -16.90 10.35
C PHE A 145 -32.64 -17.61 10.40
N ARG A 146 -32.56 -18.88 10.72
CA ARG A 146 -33.82 -19.69 10.91
C ARG A 146 -34.40 -19.26 12.27
N GLU A 147 -35.69 -19.58 12.41
CA GLU A 147 -36.45 -19.26 13.59
C GLU A 147 -35.78 -19.70 14.88
N GLU A 148 -35.37 -20.93 14.94
CA GLU A 148 -34.78 -21.47 16.15
C GLU A 148 -33.38 -20.91 16.45
N GLU A 149 -32.75 -20.39 15.37
CA GLU A 149 -31.42 -19.77 15.53
C GLU A 149 -31.47 -18.46 16.24
N LEU A 150 -32.57 -17.70 16.11
CA LEU A 150 -32.60 -16.32 16.60
C LEU A 150 -32.37 -16.15 18.09
N PRO A 151 -32.82 -17.01 18.98
CA PRO A 151 -32.43 -16.84 20.36
C PRO A 151 -30.93 -17.01 20.62
N VAL A 152 -30.32 -17.89 19.83
CA VAL A 152 -28.89 -18.07 19.92
C VAL A 152 -28.20 -16.79 19.45
N VAL A 153 -28.61 -16.30 18.31
CA VAL A 153 -28.04 -15.05 17.76
C VAL A 153 -28.03 -13.94 18.78
N GLU A 154 -29.15 -13.79 19.55
CA GLU A 154 -29.22 -12.76 20.58
C GLU A 154 -28.13 -12.96 21.61
N ARG A 155 -27.87 -14.16 22.10
CA ARG A 155 -26.79 -14.42 23.06
C ARG A 155 -25.45 -14.04 22.43
N VAL A 156 -25.27 -14.43 21.17
CA VAL A 156 -23.98 -14.15 20.50
C VAL A 156 -23.78 -12.64 20.34
N LEU A 157 -24.81 -11.90 19.94
CA LEU A 157 -24.68 -10.43 19.79
C LEU A 157 -24.35 -9.76 21.10
N GLU A 158 -24.99 -10.17 22.18
CA GLU A 158 -24.70 -9.62 23.51
C GLU A 158 -23.27 -9.90 23.87
N ALA A 159 -22.83 -11.15 23.70
CA ALA A 159 -21.43 -11.49 24.04
C ALA A 159 -20.46 -10.72 23.15
N ALA A 160 -20.76 -10.56 21.88
CA ALA A 160 -19.91 -9.92 20.99
C ALA A 160 -19.77 -8.45 21.30
N LYS A 161 -20.82 -7.76 21.73
CA LYS A 161 -20.74 -6.39 22.23
C LYS A 161 -19.79 -6.31 23.42
N GLU A 162 -19.92 -7.24 24.37
CA GLU A 162 -18.99 -7.26 25.47
C GLU A 162 -17.56 -7.43 25.00
N ALA A 163 -17.41 -8.34 24.04
CA ALA A 163 -16.05 -8.67 23.53
C ALA A 163 -15.44 -7.49 22.82
N VAL A 164 -16.19 -6.68 22.06
CA VAL A 164 -15.64 -5.53 21.40
C VAL A 164 -15.13 -4.56 22.47
N TRP A 165 -15.96 -4.24 23.51
CA TRP A 165 -15.47 -3.36 24.55
C TRP A 165 -14.21 -3.90 25.21
N CYS A 166 -14.19 -5.21 25.45
CA CYS A 166 -12.99 -5.84 26.05
C CYS A 166 -11.82 -5.53 25.19
N TRP A 167 -11.91 -5.78 23.89
CA TRP A 167 -10.75 -5.66 22.98
C TRP A 167 -10.28 -4.22 22.87
N VAL A 168 -11.22 -3.24 22.83
CA VAL A 168 -10.86 -1.84 22.76
C VAL A 168 -9.90 -1.53 23.89
N ARG A 169 -10.19 -2.02 25.11
CA ARG A 169 -9.33 -1.78 26.25
C ARG A 169 -8.14 -2.64 26.35
N GLU A 170 -8.23 -3.93 26.17
CA GLU A 170 -7.21 -4.91 26.53
C GLU A 170 -6.60 -5.68 25.35
N GLY A 171 -7.14 -5.43 24.12
CA GLY A 171 -6.74 -6.20 22.96
C GLY A 171 -7.01 -7.64 23.05
N LEU A 172 -6.35 -8.46 22.24
CA LEU A 172 -6.88 -9.76 21.94
C LEU A 172 -6.63 -10.84 22.99
N PRO A 173 -5.38 -11.07 23.46
CA PRO A 173 -5.21 -12.26 24.35
C PRO A 173 -6.05 -12.22 25.61
N PRO A 174 -6.10 -11.13 26.32
CA PRO A 174 -6.89 -11.07 27.56
C PRO A 174 -8.34 -11.39 27.29
N CYS A 175 -8.82 -10.89 26.14
CA CYS A 175 -10.26 -11.04 25.82
C CYS A 175 -10.52 -12.43 25.26
N ALA A 176 -9.60 -13.02 24.50
CA ALA A 176 -9.75 -14.43 24.10
C ALA A 176 -9.90 -15.32 25.31
N GLY A 177 -9.20 -14.96 26.37
CA GLY A 177 -9.28 -15.66 27.68
C GLY A 177 -10.59 -15.63 28.36
N ARG A 178 -11.51 -14.73 27.98
CA ARG A 178 -12.83 -14.54 28.51
C ARG A 178 -13.92 -14.93 27.58
N PHE A 179 -13.66 -15.05 26.24
CA PHE A 179 -14.76 -15.34 25.32
C PHE A 179 -14.61 -16.60 24.51
N ASN A 180 -13.35 -17.05 24.22
CA ASN A 180 -13.15 -18.08 23.22
C ASN A 180 -13.63 -19.48 23.58
N GLY A 181 -13.87 -19.68 24.85
CA GLY A 181 -14.42 -20.96 25.29
C GLY A 181 -15.91 -21.02 25.42
N LEU A 182 -16.60 -19.95 25.11
CA LEU A 182 -18.08 -19.93 25.20
C LEU A 182 -18.67 -20.76 24.02
N ASP A 183 -19.84 -21.35 24.38
CA ASP A 183 -20.74 -21.94 23.36
C ASP A 183 -22.12 -21.51 23.68
N LEU A 184 -22.62 -20.51 23.03
CA LEU A 184 -23.85 -19.87 23.37
C LEU A 184 -25.05 -20.64 22.77
N SER A 185 -24.75 -21.72 22.12
CA SER A 185 -25.88 -22.60 21.64
C SER A 185 -26.31 -23.53 22.76
N LEU A 186 -25.53 -23.58 23.83
CA LEU A 186 -25.88 -24.46 25.04
C LEU A 186 -26.74 -23.77 26.07
N GLY B 1 21.58 -19.98 13.30
CA GLY B 1 21.65 -19.81 11.86
C GLY B 1 20.45 -18.94 11.44
N SER B 2 20.56 -18.48 10.19
CA SER B 2 19.42 -17.67 9.62
C SER B 2 18.30 -18.55 9.13
N HIS B 3 17.14 -17.92 8.94
CA HIS B 3 15.93 -18.61 8.51
C HIS B 3 15.36 -17.73 7.45
N MET B 4 15.02 -18.26 6.28
CA MET B 4 14.59 -17.40 5.19
C MET B 4 13.22 -16.77 5.48
N MET B 5 13.11 -15.44 5.19
CA MET B 5 11.99 -14.65 5.60
C MET B 5 11.02 -14.34 4.52
N PHE B 6 11.36 -14.57 3.22
CA PHE B 6 10.47 -14.18 2.16
C PHE B 6 10.87 -15.09 0.95
N LEU B 7 9.94 -15.17 -0.02
CA LEU B 7 10.21 -15.80 -1.36
C LEU B 7 9.86 -14.84 -2.38
N VAL B 8 10.71 -14.63 -3.38
CA VAL B 8 10.40 -13.90 -4.54
C VAL B 8 10.47 -14.93 -5.71
N VAL B 9 9.37 -15.05 -6.45
CA VAL B 9 9.21 -16.17 -7.43
C VAL B 9 9.06 -15.52 -8.75
N GLY B 10 9.98 -15.81 -9.72
CA GLY B 10 9.84 -15.42 -11.07
C GLY B 10 9.11 -16.51 -11.93
N GLN B 11 8.02 -16.10 -12.53
CA GLN B 11 7.29 -17.05 -13.39
C GLN B 11 8.01 -17.12 -14.78
N GLY B 12 8.02 -18.38 -15.27
CA GLY B 12 8.62 -18.68 -16.59
C GLY B 12 8.58 -20.15 -16.77
N ASN B 13 9.06 -20.52 -18.00
CA ASN B 13 9.30 -21.87 -18.36
C ASN B 13 10.84 -22.13 -18.58
N PRO B 14 11.17 -23.41 -18.33
CA PRO B 14 12.63 -23.80 -18.36
C PRO B 14 13.10 -23.98 -19.80
N GLY B 15 14.36 -23.66 -19.93
CA GLY B 15 15.07 -24.08 -21.20
C GLY B 15 15.18 -22.95 -22.18
N GLU B 16 16.17 -23.06 -23.12
CA GLU B 16 16.40 -21.99 -24.03
C GLU B 16 15.27 -21.64 -24.99
N ARG B 17 14.45 -22.68 -25.27
CA ARG B 17 13.27 -22.51 -26.11
C ARG B 17 12.36 -21.33 -25.68
N TYR B 18 12.33 -21.21 -24.30
CA TYR B 18 11.37 -20.26 -23.75
C TYR B 18 11.98 -19.00 -23.19
N ALA B 19 13.31 -18.90 -23.24
CA ALA B 19 13.98 -17.84 -22.53
C ALA B 19 13.64 -16.48 -22.95
N ARG B 20 13.22 -16.16 -24.18
CA ARG B 20 12.88 -14.92 -24.66
C ARG B 20 11.38 -14.61 -24.95
N THR B 21 10.56 -15.54 -24.43
CA THR B 21 9.11 -15.40 -24.62
C THR B 21 8.47 -14.48 -23.56
N ARG B 22 7.37 -13.92 -23.91
CA ARG B 22 6.70 -12.95 -22.98
C ARG B 22 6.43 -13.57 -21.66
N HIS B 23 6.07 -14.86 -21.66
CA HIS B 23 5.81 -15.62 -20.45
C HIS B 23 6.98 -15.88 -19.51
N ASN B 24 8.17 -15.48 -19.96
CA ASN B 24 9.37 -15.52 -19.16
C ASN B 24 9.75 -14.12 -18.63
N LEU B 25 8.93 -13.14 -18.70
CA LEU B 25 9.32 -11.82 -18.20
C LEU B 25 9.73 -12.00 -16.73
N GLY B 26 9.05 -12.79 -15.88
CA GLY B 26 9.43 -12.95 -14.50
C GLY B 26 10.85 -13.50 -14.33
N PHE B 27 11.25 -14.49 -15.10
CA PHE B 27 12.65 -14.95 -15.07
C PHE B 27 13.53 -13.82 -15.52
N MET B 28 13.17 -13.01 -16.48
CA MET B 28 14.05 -11.93 -17.04
C MET B 28 14.29 -10.89 -15.91
N VAL B 29 13.30 -10.66 -15.07
CA VAL B 29 13.50 -9.73 -13.91
C VAL B 29 14.42 -10.37 -12.97
N LEU B 30 14.30 -11.61 -12.51
CA LEU B 30 15.11 -12.28 -11.54
C LEU B 30 16.57 -12.30 -12.06
N ASP B 31 16.73 -12.44 -13.36
CA ASP B 31 18.13 -12.41 -13.94
C ASP B 31 18.71 -11.08 -13.98
N ARG B 32 18.02 -10.02 -13.69
CA ARG B 32 18.54 -8.65 -13.65
C ARG B 32 18.95 -8.27 -12.20
N LEU B 33 18.76 -9.13 -11.18
CA LEU B 33 18.88 -8.75 -9.76
C LEU B 33 20.34 -8.83 -9.29
N GLY B 34 21.25 -9.32 -10.11
CA GLY B 34 22.65 -9.48 -9.66
C GLY B 34 22.87 -10.64 -8.73
N LEU B 35 22.04 -11.69 -8.72
CA LEU B 35 22.06 -12.79 -7.88
C LEU B 35 22.78 -14.06 -8.35
N SER B 36 23.05 -14.99 -7.49
CA SER B 36 23.78 -16.24 -7.77
C SER B 36 22.86 -17.38 -7.64
N PHE B 37 22.22 -17.77 -8.77
CA PHE B 37 21.30 -18.86 -8.65
C PHE B 37 21.98 -20.22 -8.70
N ARG B 38 21.56 -21.12 -7.94
CA ARG B 38 22.10 -22.49 -7.82
C ARG B 38 20.94 -23.50 -7.79
N PRO B 39 21.02 -24.76 -8.24
CA PRO B 39 19.98 -25.67 -8.21
C PRO B 39 19.61 -26.09 -6.84
N ARG B 40 18.31 -26.09 -6.46
CA ARG B 40 17.84 -26.61 -5.20
C ARG B 40 16.41 -27.13 -5.43
N GLY B 41 16.05 -28.31 -5.06
CA GLY B 41 14.75 -28.86 -5.35
C GLY B 41 14.42 -28.74 -6.83
N GLU B 42 13.20 -28.28 -7.17
CA GLU B 42 12.83 -28.16 -8.61
C GLU B 42 12.96 -26.75 -9.07
N ALA B 43 13.97 -26.02 -8.69
CA ALA B 43 14.25 -24.68 -9.04
C ALA B 43 15.69 -24.23 -9.08
N LEU B 44 15.96 -23.07 -9.61
CA LEU B 44 17.18 -22.34 -9.52
C LEU B 44 16.87 -21.33 -8.36
N VAL B 45 17.73 -21.26 -7.35
CA VAL B 45 17.44 -20.48 -6.06
C VAL B 45 18.61 -19.62 -5.73
N ALA B 46 18.41 -18.38 -5.38
CA ALA B 46 19.46 -17.45 -4.96
C ALA B 46 19.01 -16.96 -3.53
N GLU B 47 19.97 -16.75 -2.64
CA GLU B 47 19.65 -16.06 -1.36
C GLU B 47 20.18 -14.68 -1.38
N ALA B 48 19.42 -13.69 -0.95
CA ALA B 48 19.84 -12.32 -0.77
C ALA B 48 18.92 -11.68 0.28
N GLU B 49 19.49 -10.79 1.12
CA GLU B 49 18.72 -9.93 1.97
C GLU B 49 17.77 -10.77 2.92
N GLY B 50 18.18 -11.98 3.28
CA GLY B 50 17.52 -12.83 4.24
C GLY B 50 16.31 -13.54 3.74
N GLY B 51 16.20 -13.62 2.40
CA GLY B 51 15.19 -14.46 1.79
C GLY B 51 15.63 -15.13 0.52
N LEU B 52 14.69 -15.75 -0.21
CA LEU B 52 15.02 -16.61 -1.39
C LEU B 52 14.38 -16.04 -2.57
N PHE B 53 15.09 -16.14 -3.69
CA PHE B 53 14.65 -15.76 -5.04
C PHE B 53 14.65 -17.03 -5.89
N LEU B 54 13.54 -17.33 -6.50
CA LEU B 54 13.55 -18.55 -7.29
C LEU B 54 12.98 -18.46 -8.64
N LYS B 55 13.65 -19.25 -9.50
CA LYS B 55 13.14 -19.45 -10.86
C LYS B 55 12.78 -20.92 -10.92
N PRO B 56 11.49 -21.33 -10.73
CA PRO B 56 11.10 -22.74 -10.78
C PRO B 56 11.37 -23.37 -12.17
N LEU B 57 11.74 -24.62 -12.11
CA LEU B 57 12.03 -25.37 -13.37
C LEU B 57 10.94 -26.30 -13.73
N THR B 58 9.74 -26.15 -13.15
CA THR B 58 8.58 -27.02 -13.22
C THR B 58 7.76 -26.94 -14.53
N TYR B 59 7.90 -25.80 -15.20
CA TYR B 59 7.03 -25.15 -16.19
C TYR B 59 6.02 -24.29 -15.45
N TYR B 60 5.54 -23.35 -16.23
CA TYR B 60 4.85 -22.15 -15.70
C TYR B 60 3.64 -22.54 -14.90
N ASN B 61 2.84 -23.52 -15.29
CA ASN B 61 1.61 -23.85 -14.55
C ASN B 61 1.74 -24.90 -13.50
N LEU B 62 3.01 -25.21 -13.13
CA LEU B 62 3.35 -26.14 -12.12
C LEU B 62 4.26 -25.53 -11.05
N THR B 63 4.41 -24.20 -11.05
CA THR B 63 5.36 -23.56 -10.12
C THR B 63 4.92 -23.73 -8.66
N GLY B 64 3.63 -23.89 -8.44
CA GLY B 64 3.17 -24.13 -7.05
C GLY B 64 3.90 -25.23 -6.35
N ARG B 65 4.29 -26.30 -7.10
CA ARG B 65 5.06 -27.41 -6.54
C ARG B 65 6.41 -27.01 -6.00
N ALA B 66 6.99 -25.97 -6.52
CA ALA B 66 8.28 -25.52 -6.05
C ALA B 66 8.09 -24.48 -4.91
N VAL B 67 7.03 -23.67 -4.93
CA VAL B 67 6.89 -22.59 -3.98
C VAL B 67 6.37 -23.09 -2.65
N ALA B 68 5.35 -23.94 -2.63
CA ALA B 68 4.66 -24.32 -1.41
C ALA B 68 5.57 -25.09 -0.44
N PRO B 69 6.46 -25.98 -0.87
CA PRO B 69 7.28 -26.64 0.11
C PRO B 69 8.19 -25.69 0.81
N LEU B 70 8.75 -24.72 0.10
CA LEU B 70 9.65 -23.73 0.67
C LEU B 70 8.88 -22.88 1.63
N ALA B 71 7.71 -22.39 1.25
CA ALA B 71 6.89 -21.59 2.20
C ALA B 71 6.57 -22.33 3.45
N ARG B 72 6.25 -23.62 3.34
CA ARG B 72 5.89 -24.41 4.54
C ARG B 72 7.12 -24.65 5.37
N PHE B 73 8.24 -24.98 4.78
CA PHE B 73 9.47 -25.26 5.53
C PHE B 73 9.92 -24.06 6.37
N TYR B 74 9.92 -22.90 5.71
CA TYR B 74 10.34 -21.71 6.39
C TYR B 74 9.20 -20.95 7.12
N LYS B 75 7.98 -21.44 7.08
CA LYS B 75 6.87 -20.72 7.72
C LYS B 75 6.76 -19.32 7.24
N ILE B 76 6.83 -19.12 5.90
CA ILE B 76 6.74 -17.83 5.29
C ILE B 76 5.28 -17.58 4.93
N PRO B 77 4.68 -16.47 5.43
CA PRO B 77 3.28 -16.19 5.17
C PRO B 77 3.07 -15.66 3.76
N PRO B 78 1.87 -15.70 3.24
CA PRO B 78 1.61 -15.21 1.87
C PRO B 78 2.01 -13.82 1.59
N GLU B 79 1.94 -12.93 2.60
CA GLU B 79 2.37 -11.59 2.42
C GLU B 79 3.87 -11.42 2.34
N ARG B 80 4.64 -12.48 2.53
CA ARG B 80 6.07 -12.45 2.30
C ARG B 80 6.40 -13.40 1.10
N ILE B 81 5.46 -13.57 0.19
CA ILE B 81 5.69 -14.28 -1.12
C ILE B 81 5.30 -13.31 -2.14
N LEU B 82 6.23 -12.98 -3.06
CA LEU B 82 5.96 -12.11 -4.17
C LEU B 82 6.18 -12.90 -5.51
N VAL B 83 5.11 -12.98 -6.29
CA VAL B 83 5.18 -13.68 -7.58
C VAL B 83 5.22 -12.58 -8.63
N VAL B 84 6.37 -12.62 -9.38
CA VAL B 84 6.68 -11.71 -10.43
C VAL B 84 6.30 -12.36 -11.75
N HIS B 85 5.34 -11.76 -12.46
CA HIS B 85 4.80 -12.49 -13.65
C HIS B 85 4.29 -11.56 -14.65
N ASP B 86 4.31 -12.00 -15.95
CA ASP B 86 3.66 -11.30 -17.01
C ASP B 86 2.16 -11.29 -16.87
N GLU B 87 1.55 -10.19 -17.32
CA GLU B 87 0.17 -9.91 -17.18
C GLU B 87 -0.44 -9.34 -18.44
N MET B 88 -1.30 -10.18 -19.07
CA MET B 88 -2.01 -9.76 -20.26
C MET B 88 -3.04 -8.68 -20.03
N ASP B 89 -3.47 -8.54 -18.79
CA ASP B 89 -4.52 -7.52 -18.46
C ASP B 89 -3.94 -6.12 -18.30
N LEU B 90 -2.67 -5.89 -18.46
CA LEU B 90 -2.07 -4.58 -18.48
C LEU B 90 -1.29 -4.42 -19.71
N PRO B 91 -1.23 -3.18 -20.25
CA PRO B 91 -0.37 -2.95 -21.43
C PRO B 91 1.04 -3.04 -21.13
N LEU B 92 1.91 -3.30 -22.11
CA LEU B 92 3.30 -3.26 -21.94
C LEU B 92 3.73 -1.82 -21.64
N GLY B 93 4.51 -1.71 -20.60
CA GLY B 93 4.81 -0.36 -20.02
C GLY B 93 4.17 -0.13 -18.71
N ARG B 94 3.20 -0.92 -18.28
CA ARG B 94 2.56 -0.74 -17.04
C ARG B 94 2.96 -1.85 -16.12
N ILE B 95 3.13 -1.56 -14.81
CA ILE B 95 3.48 -2.53 -13.80
C ILE B 95 2.55 -2.30 -12.63
N ARG B 96 2.12 -3.32 -11.95
CA ARG B 96 1.20 -3.10 -10.84
C ARG B 96 1.46 -4.15 -9.82
N PHE B 97 1.64 -3.72 -8.54
CA PHE B 97 1.57 -4.60 -7.43
C PHE B 97 0.13 -4.93 -7.13
N LYS B 98 -0.12 -6.12 -6.66
CA LYS B 98 -1.47 -6.60 -6.21
C LYS B 98 -1.24 -7.58 -5.11
N ALA B 99 -1.99 -7.39 -3.97
CA ALA B 99 -2.00 -8.35 -2.94
C ALA B 99 -3.21 -9.21 -3.20
N GLY B 100 -2.98 -10.50 -3.49
CA GLY B 100 -4.07 -11.39 -3.77
C GLY B 100 -4.97 -11.10 -4.96
N GLY B 101 -6.27 -11.45 -4.74
CA GLY B 101 -7.39 -11.34 -5.62
C GLY B 101 -7.32 -12.24 -6.85
N SER B 102 -7.98 -11.82 -7.94
CA SER B 102 -8.12 -12.75 -9.11
C SER B 102 -6.74 -13.04 -9.68
N ALA B 103 -6.74 -14.15 -10.36
CA ALA B 103 -5.59 -14.53 -11.24
C ALA B 103 -5.75 -14.05 -12.65
N ALA B 104 -6.93 -13.56 -13.04
CA ALA B 104 -7.17 -13.09 -14.39
C ALA B 104 -6.81 -14.14 -15.47
N GLY B 105 -6.95 -15.38 -15.11
CA GLY B 105 -6.64 -16.50 -16.02
C GLY B 105 -5.23 -16.88 -16.08
N ASN B 106 -4.36 -16.23 -15.33
CA ASN B 106 -2.94 -16.59 -15.37
C ASN B 106 -2.77 -17.90 -14.60
N ARG B 107 -2.37 -19.01 -15.30
CA ARG B 107 -2.33 -20.28 -14.71
C ARG B 107 -1.12 -20.58 -13.80
N GLY B 108 -0.11 -19.69 -13.88
CA GLY B 108 0.96 -19.74 -12.89
C GLY B 108 0.54 -19.22 -11.51
N VAL B 109 -0.12 -18.08 -11.53
CA VAL B 109 -0.77 -17.58 -10.34
C VAL B 109 -1.74 -18.63 -9.75
N LEU B 110 -2.52 -19.29 -10.61
CA LEU B 110 -3.44 -20.29 -10.13
C LEU B 110 -2.75 -21.49 -9.56
N SER B 111 -1.60 -21.90 -10.11
CA SER B 111 -0.79 -22.99 -9.64
C SER B 111 -0.33 -22.73 -8.18
N ILE B 112 0.15 -21.50 -7.97
CA ILE B 112 0.63 -21.13 -6.66
C ILE B 112 -0.51 -21.03 -5.65
N GLU B 113 -1.60 -20.51 -6.11
CA GLU B 113 -2.85 -20.43 -5.24
C GLU B 113 -3.24 -21.83 -4.82
N GLU B 114 -3.30 -22.80 -5.73
CA GLU B 114 -3.72 -24.17 -5.36
C GLU B 114 -2.77 -24.79 -4.40
N ALA B 115 -1.44 -24.61 -4.65
CA ALA B 115 -0.40 -25.20 -3.83
C ALA B 115 -0.33 -24.65 -2.44
N LEU B 116 -0.53 -23.36 -2.36
CA LEU B 116 -0.44 -22.68 -1.02
C LEU B 116 -1.75 -22.86 -0.27
N GLY B 117 -2.84 -23.03 -0.99
CA GLY B 117 -4.18 -23.01 -0.36
C GLY B 117 -4.70 -21.69 -0.08
N THR B 118 -4.18 -20.64 -0.75
CA THR B 118 -4.65 -19.29 -0.57
C THR B 118 -4.32 -18.50 -1.81
N ARG B 119 -5.14 -17.53 -2.15
CA ARG B 119 -4.83 -16.60 -3.23
C ARG B 119 -3.98 -15.38 -2.79
N ALA B 120 -3.88 -15.26 -1.45
CA ALA B 120 -3.52 -13.96 -0.86
C ALA B 120 -2.00 -13.71 -0.74
N PHE B 121 -1.23 -14.37 -1.60
CA PHE B 121 0.16 -13.98 -1.79
C PHE B 121 0.24 -12.76 -2.65
N HIS B 122 1.38 -12.07 -2.62
CA HIS B 122 1.56 -10.86 -3.33
C HIS B 122 2.09 -11.04 -4.74
N ARG B 123 1.72 -10.15 -5.64
CA ARG B 123 2.13 -10.26 -7.04
C ARG B 123 2.70 -8.96 -7.55
N LEU B 124 3.69 -9.01 -8.44
CA LEU B 124 4.17 -7.90 -9.21
C LEU B 124 3.84 -8.20 -10.70
N ARG B 125 2.79 -7.56 -11.11
CA ARG B 125 2.19 -7.82 -12.48
C ARG B 125 2.90 -6.97 -13.42
N LEU B 126 3.49 -7.58 -14.47
CA LEU B 126 4.26 -6.84 -15.49
C LEU B 126 3.49 -6.86 -16.76
N GLY B 127 2.87 -5.79 -17.18
CA GLY B 127 2.05 -5.80 -18.35
C GLY B 127 2.78 -6.21 -19.62
N ILE B 128 2.05 -7.02 -20.44
CA ILE B 128 2.56 -7.42 -21.77
C ILE B 128 1.55 -7.16 -22.83
N GLY B 129 0.43 -6.55 -22.54
CA GLY B 129 -0.64 -6.39 -23.49
C GLY B 129 -1.31 -7.71 -23.82
N LYS B 130 -2.28 -7.66 -24.73
CA LYS B 130 -3.11 -8.83 -24.98
C LYS B 130 -3.34 -8.88 -26.47
N PRO B 131 -3.58 -10.07 -27.01
CA PRO B 131 -3.85 -10.18 -28.39
C PRO B 131 -5.19 -9.61 -28.66
N PRO B 132 -5.58 -9.54 -30.00
CA PRO B 132 -6.84 -9.04 -30.39
C PRO B 132 -8.07 -9.84 -29.93
N ASP B 133 -7.84 -11.07 -29.63
CA ASP B 133 -8.85 -11.94 -29.06
C ASP B 133 -8.30 -12.83 -27.99
N PRO B 134 -9.00 -13.13 -26.89
CA PRO B 134 -8.51 -13.96 -25.73
C PRO B 134 -8.15 -15.42 -26.16
N SER B 135 -8.83 -15.86 -27.21
CA SER B 135 -8.59 -17.28 -27.63
C SER B 135 -7.18 -17.46 -28.22
N ARG B 136 -6.40 -16.39 -28.35
CA ARG B 136 -5.01 -16.41 -28.85
C ARG B 136 -3.99 -16.24 -27.64
N GLY B 137 -4.42 -16.43 -26.41
CA GLY B 137 -3.52 -16.13 -25.29
C GLY B 137 -2.32 -16.96 -25.18
N ALA B 138 -2.45 -18.28 -25.39
CA ALA B 138 -1.32 -19.22 -25.28
C ALA B 138 -0.22 -18.84 -26.30
N GLU B 139 -0.70 -18.63 -27.56
CA GLU B 139 0.20 -18.28 -28.63
C GLU B 139 0.88 -16.92 -28.31
N TYR B 140 0.15 -15.97 -27.76
CA TYR B 140 0.73 -14.67 -27.47
C TYR B 140 1.79 -14.73 -26.40
N VAL B 141 1.52 -15.45 -25.33
CA VAL B 141 2.52 -15.47 -24.25
C VAL B 141 3.74 -16.30 -24.55
N LEU B 142 3.58 -17.33 -25.41
CA LEU B 142 4.72 -18.18 -25.80
C LEU B 142 5.38 -17.61 -27.05
N SER B 143 5.16 -16.38 -27.42
CA SER B 143 5.90 -15.66 -28.49
C SER B 143 6.96 -14.78 -27.86
N PRO B 144 7.98 -14.44 -28.59
CA PRO B 144 8.84 -13.38 -28.16
C PRO B 144 8.17 -12.04 -28.28
N PHE B 145 8.78 -11.00 -27.67
CA PHE B 145 8.38 -9.66 -27.89
C PHE B 145 8.70 -9.16 -29.35
N ARG B 146 7.90 -8.34 -29.87
CA ARG B 146 8.23 -7.75 -31.22
C ARG B 146 9.45 -6.88 -31.06
N GLU B 147 10.25 -6.76 -32.15
CA GLU B 147 11.42 -5.92 -32.02
C GLU B 147 11.09 -4.53 -31.57
N GLU B 148 9.99 -3.96 -31.97
CA GLU B 148 9.66 -2.57 -31.59
C GLU B 148 9.26 -2.45 -30.10
N GLU B 149 8.88 -3.58 -29.52
CA GLU B 149 8.60 -3.61 -28.07
C GLU B 149 9.84 -3.69 -27.17
N LEU B 150 10.99 -4.11 -27.63
CA LEU B 150 12.16 -4.33 -26.86
C LEU B 150 12.62 -3.09 -26.03
N PRO B 151 12.57 -1.87 -26.60
CA PRO B 151 13.04 -0.75 -25.75
C PRO B 151 12.19 -0.58 -24.51
N VAL B 152 10.88 -0.83 -24.67
CA VAL B 152 9.92 -0.69 -23.51
C VAL B 152 10.21 -1.84 -22.55
N VAL B 153 10.36 -3.05 -23.06
CA VAL B 153 10.71 -4.18 -22.18
C VAL B 153 11.89 -3.82 -21.30
N GLU B 154 12.91 -3.15 -21.89
CA GLU B 154 14.10 -2.84 -21.11
C GLU B 154 13.73 -1.84 -19.96
N ARG B 155 12.95 -0.86 -20.22
CA ARG B 155 12.54 0.08 -19.19
C ARG B 155 11.76 -0.64 -18.11
N VAL B 156 10.90 -1.57 -18.55
CA VAL B 156 10.12 -2.34 -17.54
C VAL B 156 10.95 -3.18 -16.72
N LEU B 157 11.95 -3.87 -17.23
CA LEU B 157 12.80 -4.71 -16.49
C LEU B 157 13.54 -3.94 -15.40
N GLU B 158 14.01 -2.76 -15.79
CA GLU B 158 14.68 -1.93 -14.83
C GLU B 158 13.76 -1.46 -13.67
N ALA B 159 12.60 -0.98 -14.01
CA ALA B 159 11.59 -0.63 -13.05
C ALA B 159 11.24 -1.79 -12.15
N ALA B 160 11.03 -2.96 -12.78
CA ALA B 160 10.73 -4.11 -11.96
C ALA B 160 11.71 -4.58 -10.95
N LYS B 161 13.00 -4.47 -11.29
CA LYS B 161 14.08 -4.77 -10.41
C LYS B 161 13.97 -3.84 -9.16
N GLU B 162 13.75 -2.57 -9.45
CA GLU B 162 13.54 -1.57 -8.34
C GLU B 162 12.35 -1.96 -7.48
N ALA B 163 11.29 -2.36 -8.16
CA ALA B 163 10.09 -2.77 -7.46
C ALA B 163 10.26 -3.93 -6.57
N VAL B 164 10.92 -5.00 -7.02
CA VAL B 164 11.21 -6.12 -6.23
C VAL B 164 11.91 -5.74 -4.91
N TRP B 165 13.00 -4.95 -5.05
CA TRP B 165 13.69 -4.57 -3.84
C TRP B 165 12.86 -3.66 -2.94
N CYS B 166 12.04 -2.85 -3.52
CA CYS B 166 11.09 -2.05 -2.72
C CYS B 166 10.26 -2.93 -1.85
N TRP B 167 9.66 -3.97 -2.47
CA TRP B 167 8.78 -4.83 -1.77
C TRP B 167 9.44 -5.62 -0.66
N VAL B 168 10.67 -6.15 -0.94
CA VAL B 168 11.42 -6.84 0.03
C VAL B 168 11.60 -5.95 1.30
N ARG B 169 11.91 -4.68 1.05
CA ARG B 169 12.21 -3.76 2.18
C ARG B 169 10.97 -3.22 2.85
N GLU B 170 9.92 -2.92 2.11
CA GLU B 170 8.82 -2.08 2.56
C GLU B 170 7.46 -2.73 2.56
N GLY B 171 7.35 -3.92 1.92
CA GLY B 171 6.04 -4.51 1.71
C GLY B 171 5.31 -3.85 0.58
N LEU B 172 4.06 -4.26 0.44
CA LEU B 172 3.32 -3.95 -0.77
C LEU B 172 2.74 -2.53 -0.92
N PRO B 173 1.98 -2.07 0.14
CA PRO B 173 1.33 -0.76 -0.08
C PRO B 173 2.19 0.44 -0.42
N PRO B 174 3.34 0.62 0.25
CA PRO B 174 4.21 1.76 -0.16
C PRO B 174 4.70 1.67 -1.60
N CYS B 175 5.10 0.43 -1.95
CA CYS B 175 5.63 0.18 -3.27
C CYS B 175 4.55 0.39 -4.34
N ALA B 176 3.33 -0.09 -4.11
CA ALA B 176 2.23 0.12 -5.02
C ALA B 176 2.01 1.64 -5.28
N GLY B 177 2.17 2.39 -4.17
CA GLY B 177 1.92 3.86 -4.21
C GLY B 177 2.90 4.53 -5.15
N ARG B 178 4.10 4.04 -5.39
CA ARG B 178 5.05 4.75 -6.26
C ARG B 178 5.28 4.08 -7.59
N PHE B 179 4.93 2.77 -7.69
CA PHE B 179 5.19 2.06 -8.94
C PHE B 179 3.91 1.88 -9.76
N ASN B 180 2.73 1.76 -9.16
CA ASN B 180 1.55 1.44 -9.97
C ASN B 180 1.18 2.44 -10.98
N GLY B 181 1.54 3.69 -10.78
CA GLY B 181 1.11 4.63 -11.76
C GLY B 181 2.10 4.92 -12.81
N LEU B 182 3.27 4.28 -12.85
CA LEU B 182 4.31 4.50 -13.88
C LEU B 182 3.79 4.08 -15.27
N ASP B 183 4.14 4.89 -16.25
CA ASP B 183 3.89 4.47 -17.64
C ASP B 183 5.26 4.45 -18.31
N LEU B 184 5.85 3.27 -18.48
CA LEU B 184 7.17 3.09 -19.03
C LEU B 184 7.12 3.03 -20.59
N SER B 185 5.98 3.22 -21.21
CA SER B 185 5.87 3.26 -22.68
C SER B 185 6.26 4.67 -23.24
N SER C 2 23.67 1.44 4.17
CA SER C 2 24.79 2.39 4.58
C SER C 2 25.14 3.44 3.47
N HIS C 3 24.64 3.22 2.24
CA HIS C 3 24.80 4.23 1.20
C HIS C 3 23.42 4.80 0.81
N MET C 4 23.31 6.10 0.81
CA MET C 4 22.12 6.85 0.39
C MET C 4 22.49 7.65 -0.82
N MET C 5 21.62 7.62 -1.80
CA MET C 5 21.93 8.11 -3.11
C MET C 5 21.38 9.49 -3.33
N PHE C 6 20.37 9.90 -2.56
CA PHE C 6 19.71 11.18 -2.81
C PHE C 6 19.06 11.71 -1.53
N LEU C 7 18.71 12.98 -1.48
CA LEU C 7 17.89 13.58 -0.40
C LEU C 7 16.75 14.29 -1.06
N VAL C 8 15.54 14.10 -0.58
CA VAL C 8 14.40 14.92 -0.94
C VAL C 8 13.99 15.66 0.33
N VAL C 9 13.94 17.00 0.27
CA VAL C 9 13.69 17.80 1.47
C VAL C 9 12.41 18.58 1.27
N GLY C 10 11.42 18.42 2.12
CA GLY C 10 10.27 19.19 2.09
C GLY C 10 10.43 20.43 2.96
N GLN C 11 10.10 21.61 2.42
CA GLN C 11 10.04 22.81 3.30
C GLN C 11 8.82 22.93 4.09
N GLY C 12 8.89 23.44 5.31
CA GLY C 12 7.84 23.61 6.17
C GLY C 12 8.30 24.03 7.58
N ASN C 13 7.39 24.30 8.46
CA ASN C 13 7.58 24.49 9.89
C ASN C 13 6.98 23.32 10.68
N PRO C 14 7.59 22.86 11.73
CA PRO C 14 7.09 21.79 12.53
C PRO C 14 5.99 22.20 13.40
N GLY C 15 5.18 21.24 13.76
CA GLY C 15 4.07 21.44 14.70
C GLY C 15 2.67 21.49 14.06
N GLU C 16 1.69 21.11 14.84
CA GLU C 16 0.30 21.12 14.31
C GLU C 16 -0.16 22.49 13.89
N ARG C 17 0.31 23.54 14.60
CA ARG C 17 -0.07 24.89 14.24
C ARG C 17 0.16 25.33 12.84
N TYR C 18 1.25 24.81 12.19
CA TYR C 18 1.62 25.15 10.91
C TYR C 18 1.27 24.17 9.71
N ALA C 19 0.71 23.05 10.13
CA ALA C 19 0.54 21.87 9.23
C ALA C 19 -0.31 22.10 8.04
N ARG C 20 -1.29 23.01 8.19
CA ARG C 20 -2.15 23.41 7.05
C ARG C 20 -1.77 24.71 6.37
N THR C 21 -0.60 25.33 6.72
CA THR C 21 -0.29 26.57 6.13
C THR C 21 0.34 26.47 4.82
N ARG C 22 0.29 27.50 3.99
CA ARG C 22 0.86 27.52 2.71
C ARG C 22 2.38 27.13 2.63
N HIS C 23 3.09 27.65 3.67
CA HIS C 23 4.54 27.46 3.75
C HIS C 23 4.86 26.01 4.13
N ASN C 24 3.84 25.22 4.38
CA ASN C 24 4.01 23.75 4.64
C ASN C 24 3.65 22.91 3.36
N LEU C 25 3.45 23.52 2.23
CA LEU C 25 3.20 22.75 0.98
C LEU C 25 4.19 21.64 0.75
N GLY C 26 5.48 21.92 0.99
CA GLY C 26 6.52 20.91 0.83
C GLY C 26 6.27 19.78 1.79
N PHE C 27 5.97 19.97 3.05
CA PHE C 27 5.64 18.89 3.97
C PHE C 27 4.43 18.09 3.43
N MET C 28 3.42 18.84 2.92
CA MET C 28 2.20 18.17 2.47
C MET C 28 2.53 17.26 1.31
N VAL C 29 3.38 17.60 0.40
CA VAL C 29 3.77 16.70 -0.68
C VAL C 29 4.46 15.46 -0.17
N LEU C 30 5.42 15.65 0.74
CA LEU C 30 6.10 14.46 1.31
C LEU C 30 5.12 13.57 2.02
N ASP C 31 4.11 14.10 2.69
CA ASP C 31 3.09 13.36 3.35
C ASP C 31 2.10 12.56 2.40
N ARG C 32 2.19 12.85 1.15
CA ARG C 32 1.42 12.15 0.10
C ARG C 32 2.21 11.08 -0.53
N LEU C 33 3.50 10.84 -0.20
CA LEU C 33 4.32 9.93 -0.92
C LEU C 33 4.14 8.49 -0.43
N GLY C 34 3.44 8.26 0.63
CA GLY C 34 3.22 6.85 1.13
C GLY C 34 4.32 6.27 1.95
N LEU C 35 5.16 7.18 2.50
CA LEU C 35 6.33 6.79 3.30
C LEU C 35 6.11 6.66 4.77
N SER C 36 7.11 6.17 5.48
CA SER C 36 7.01 6.04 6.92
C SER C 36 8.10 6.95 7.58
N PHE C 37 7.70 8.10 8.03
CA PHE C 37 8.63 9.03 8.66
C PHE C 37 8.71 8.78 10.13
N ARG C 38 9.86 9.07 10.71
CA ARG C 38 10.02 9.05 12.18
C ARG C 38 11.17 9.94 12.50
N PRO C 39 11.34 10.31 13.77
CA PRO C 39 12.45 11.26 14.11
C PRO C 39 13.83 10.72 13.92
N ARG C 40 14.65 11.58 13.35
CA ARG C 40 16.06 11.26 13.06
C ARG C 40 16.79 12.59 13.06
N GLY C 41 17.56 12.86 14.10
CA GLY C 41 18.21 14.18 14.15
C GLY C 41 17.12 15.29 14.21
N GLU C 42 17.52 16.42 13.63
CA GLU C 42 16.60 17.63 13.56
C GLU C 42 15.58 17.55 12.44
N ALA C 43 15.00 16.37 12.30
CA ALA C 43 14.10 16.04 11.14
C ALA C 43 13.24 14.85 11.46
N LEU C 44 12.09 14.80 10.78
CA LEU C 44 11.37 13.54 10.55
C LEU C 44 11.88 13.04 9.21
N VAL C 45 12.30 11.77 9.19
CA VAL C 45 12.97 11.19 8.02
C VAL C 45 12.30 9.87 7.66
N ALA C 46 12.23 9.67 6.35
CA ALA C 46 11.81 8.37 5.78
C ALA C 46 12.81 7.92 4.79
N GLU C 47 13.01 6.57 4.71
CA GLU C 47 13.86 5.97 3.73
C GLU C 47 13.02 5.30 2.64
N ALA C 48 13.45 5.47 1.40
CA ALA C 48 12.78 4.82 0.28
C ALA C 48 13.69 4.91 -0.89
N GLU C 49 13.66 3.85 -1.72
CA GLU C 49 14.38 3.82 -3.00
C GLU C 49 15.88 4.17 -2.95
N GLY C 50 16.50 3.87 -1.82
CA GLY C 50 17.88 4.09 -1.64
C GLY C 50 18.30 5.51 -1.26
N GLY C 51 17.32 6.33 -0.89
CA GLY C 51 17.61 7.68 -0.42
C GLY C 51 16.71 8.04 0.73
N LEU C 52 16.85 9.30 1.13
CA LEU C 52 16.16 9.86 2.32
C LEU C 52 15.26 10.99 2.02
N PHE C 53 14.17 11.08 2.73
CA PHE C 53 13.15 12.12 2.63
C PHE C 53 13.06 12.78 3.97
N LEU C 54 13.17 14.13 3.96
CA LEU C 54 13.25 14.90 5.18
C LEU C 54 12.17 15.89 5.32
N LYS C 55 11.53 15.97 6.46
CA LYS C 55 10.64 17.08 6.95
C LYS C 55 11.46 17.65 8.19
N PRO C 56 12.23 18.68 7.94
CA PRO C 56 13.03 19.20 9.14
C PRO C 56 12.23 19.68 10.23
N LEU C 57 12.83 19.63 11.40
CA LEU C 57 12.27 20.13 12.68
C LEU C 57 12.93 21.45 13.09
N THR C 58 13.69 22.01 12.19
CA THR C 58 14.55 23.20 12.43
C THR C 58 13.75 24.52 12.35
N TYR C 59 12.53 24.48 11.82
CA TYR C 59 11.82 25.63 11.25
C TYR C 59 12.36 25.91 9.85
N TYR C 60 11.45 26.53 9.06
CA TYR C 60 11.66 26.72 7.65
C TYR C 60 12.95 27.32 7.18
N ASN C 61 13.27 28.39 7.99
CA ASN C 61 14.38 29.21 7.67
C ASN C 61 15.78 28.69 8.06
N LEU C 62 15.77 27.47 8.65
CA LEU C 62 17.01 26.85 9.15
C LEU C 62 17.11 25.43 8.69
N THR C 63 16.39 25.11 7.64
CA THR C 63 16.44 23.70 7.14
C THR C 63 17.76 23.25 6.68
N GLY C 64 18.64 24.13 6.17
CA GLY C 64 19.98 23.70 5.75
C GLY C 64 20.75 22.95 6.83
N ARG C 65 20.55 23.32 8.07
CA ARG C 65 21.21 22.68 9.21
C ARG C 65 20.87 21.18 9.35
N ALA C 66 19.68 20.76 8.86
CA ALA C 66 19.31 19.37 8.86
C ALA C 66 19.73 18.65 7.64
N VAL C 67 19.89 19.36 6.50
CA VAL C 67 20.27 18.77 5.24
C VAL C 67 21.73 18.48 5.13
N ALA C 68 22.60 19.42 5.51
CA ALA C 68 24.00 19.29 5.29
C ALA C 68 24.70 18.13 5.98
N PRO C 69 24.36 17.79 7.21
CA PRO C 69 25.10 16.63 7.81
C PRO C 69 24.90 15.36 7.01
N LEU C 70 23.68 15.17 6.52
CA LEU C 70 23.41 13.96 5.74
C LEU C 70 24.07 14.01 4.39
N ALA C 71 23.98 15.13 3.71
CA ALA C 71 24.66 15.24 2.40
C ALA C 71 26.14 15.00 2.52
N ARG C 72 26.76 15.55 3.54
CA ARG C 72 28.21 15.39 3.81
C ARG C 72 28.49 13.90 4.11
N PHE C 73 27.72 13.31 5.02
CA PHE C 73 28.08 11.94 5.48
C PHE C 73 28.04 10.96 4.31
N TYR C 74 26.97 11.05 3.55
CA TYR C 74 26.70 10.13 2.47
C TYR C 74 27.34 10.57 1.12
N LYS C 75 28.05 11.67 1.12
CA LYS C 75 28.68 12.21 -0.12
C LYS C 75 27.69 12.39 -1.25
N ILE C 76 26.51 12.94 -0.92
CA ILE C 76 25.43 13.17 -1.94
C ILE C 76 25.75 14.50 -2.64
N PRO C 77 25.96 14.39 -3.95
CA PRO C 77 26.19 15.64 -4.70
C PRO C 77 24.96 16.50 -4.75
N PRO C 78 25.09 17.78 -4.98
CA PRO C 78 23.94 18.69 -4.91
C PRO C 78 22.88 18.38 -5.93
N GLU C 79 23.27 17.79 -7.06
CA GLU C 79 22.32 17.44 -8.11
C GLU C 79 21.36 16.30 -7.71
N ARG C 80 21.71 15.64 -6.59
CA ARG C 80 20.85 14.52 -6.08
C ARG C 80 20.26 15.04 -4.75
N ILE C 81 19.98 16.33 -4.62
CA ILE C 81 19.19 16.89 -3.54
C ILE C 81 18.08 17.67 -4.14
N LEU C 82 16.85 17.37 -3.80
CA LEU C 82 15.67 18.04 -4.35
C LEU C 82 15.00 18.74 -3.22
N VAL C 83 14.77 20.05 -3.29
CA VAL C 83 14.10 20.86 -2.31
C VAL C 83 12.71 21.15 -2.78
N VAL C 84 11.70 20.67 -2.11
CA VAL C 84 10.33 20.85 -2.48
C VAL C 84 9.75 21.95 -1.69
N HIS C 85 9.26 23.09 -2.32
CA HIS C 85 8.88 24.26 -1.55
C HIS C 85 7.81 25.10 -2.27
N ASP C 86 7.10 25.78 -1.44
CA ASP C 86 6.08 26.86 -1.89
C ASP C 86 6.88 28.00 -2.56
N GLU C 87 6.23 28.59 -3.59
CA GLU C 87 6.92 29.60 -4.40
C GLU C 87 5.86 30.70 -4.67
N MET C 88 6.02 31.86 -4.07
CA MET C 88 4.97 32.93 -4.27
C MET C 88 5.06 33.50 -5.70
N ASP C 89 6.22 33.38 -6.35
CA ASP C 89 6.39 33.84 -7.74
C ASP C 89 5.76 32.96 -8.82
N LEU C 90 4.93 31.96 -8.45
CA LEU C 90 4.22 31.12 -9.39
C LEU C 90 2.85 31.04 -8.89
N PRO C 91 1.82 31.02 -9.80
CA PRO C 91 0.50 30.92 -9.26
C PRO C 91 0.17 29.55 -8.73
N LEU C 92 -0.81 29.46 -7.86
CA LEU C 92 -1.35 28.20 -7.50
C LEU C 92 -1.87 27.41 -8.70
N GLY C 93 -1.40 26.18 -8.85
CA GLY C 93 -1.61 25.36 -10.03
C GLY C 93 -0.45 25.13 -10.90
N ARG C 94 0.65 25.86 -10.73
CA ARG C 94 1.86 25.65 -11.46
C ARG C 94 2.89 24.92 -10.55
N ILE C 95 3.75 24.19 -11.23
CA ILE C 95 4.88 23.47 -10.62
C ILE C 95 6.00 23.47 -11.57
N ARG C 96 7.21 23.68 -11.08
CA ARG C 96 8.36 23.81 -11.89
C ARG C 96 9.60 23.24 -11.23
N PHE C 97 10.25 22.35 -11.93
CA PHE C 97 11.58 21.92 -11.63
C PHE C 97 12.55 22.95 -12.00
N LYS C 98 13.56 23.18 -11.19
CA LYS C 98 14.68 24.06 -11.47
C LYS C 98 15.98 23.51 -10.96
N ALA C 99 17.03 23.56 -11.74
CA ALA C 99 18.33 23.15 -11.35
C ALA C 99 19.10 24.36 -11.04
N GLY C 100 19.49 24.50 -9.79
CA GLY C 100 20.31 25.61 -9.44
C GLY C 100 19.67 26.95 -9.46
N GLY C 101 20.52 27.99 -9.52
CA GLY C 101 20.02 29.36 -9.54
C GLY C 101 19.79 30.06 -8.22
N SER C 102 19.18 31.24 -8.28
CA SER C 102 19.07 32.11 -7.09
C SER C 102 17.94 31.58 -6.15
N ALA C 103 18.00 31.91 -4.88
CA ALA C 103 16.96 31.57 -3.90
C ALA C 103 15.71 32.43 -4.06
N ALA C 104 15.87 33.58 -4.76
CA ALA C 104 14.70 34.41 -5.00
C ALA C 104 14.01 34.81 -3.70
N GLY C 105 14.79 35.13 -2.69
CA GLY C 105 14.28 35.53 -1.40
C GLY C 105 13.73 34.42 -0.49
N ASN C 106 13.66 33.17 -0.98
CA ASN C 106 13.11 32.07 -0.11
C ASN C 106 14.26 31.71 0.93
N ARG C 107 13.94 31.96 2.18
CA ARG C 107 14.89 31.87 3.27
C ARG C 107 15.24 30.40 3.56
N GLY C 108 14.32 29.51 3.24
CA GLY C 108 14.64 28.09 3.44
C GLY C 108 15.65 27.64 2.40
N VAL C 109 15.39 27.94 1.10
CA VAL C 109 16.30 27.67 0.03
C VAL C 109 17.70 28.28 0.29
N LEU C 110 17.69 29.55 0.75
CA LEU C 110 18.93 30.23 1.14
C LEU C 110 19.66 29.50 2.23
N SER C 111 18.93 28.97 3.17
CA SER C 111 19.55 28.24 4.30
C SER C 111 20.27 27.00 3.76
N ILE C 112 19.67 26.32 2.76
CA ILE C 112 20.25 25.11 2.21
C ILE C 112 21.51 25.43 1.38
N GLU C 113 21.35 26.46 0.50
CA GLU C 113 22.54 26.99 -0.23
C GLU C 113 23.72 27.32 0.71
N GLU C 114 23.46 28.02 1.80
CA GLU C 114 24.48 28.40 2.80
C GLU C 114 25.10 27.13 3.38
N ALA C 115 24.25 26.20 3.81
CA ALA C 115 24.76 25.00 4.44
C ALA C 115 25.52 24.08 3.53
N LEU C 116 25.08 23.92 2.27
CA LEU C 116 25.78 23.08 1.29
C LEU C 116 26.99 23.79 0.62
N GLY C 117 26.99 25.09 0.71
CA GLY C 117 28.06 25.86 0.00
C GLY C 117 27.93 25.88 -1.49
N THR C 118 26.74 25.65 -1.99
CA THR C 118 26.45 25.65 -3.43
C THR C 118 24.96 25.94 -3.69
N ARG C 119 24.65 26.53 -4.85
CA ARG C 119 23.27 26.65 -5.33
C ARG C 119 22.89 25.51 -6.23
N ALA C 120 23.77 24.56 -6.54
CA ALA C 120 23.58 23.64 -7.62
C ALA C 120 22.45 22.57 -7.40
N PHE C 121 21.91 22.57 -6.20
CA PHE C 121 20.87 21.61 -5.87
C PHE C 121 19.60 21.89 -6.64
N HIS C 122 18.74 20.88 -6.76
CA HIS C 122 17.49 20.96 -7.49
C HIS C 122 16.33 21.38 -6.65
N ARG C 123 15.30 22.00 -7.23
CA ARG C 123 14.15 22.47 -6.54
C ARG C 123 12.89 22.03 -7.32
N LEU C 124 11.87 21.70 -6.57
CA LEU C 124 10.52 21.54 -7.07
C LEU C 124 9.75 22.61 -6.50
N ARG C 125 9.55 23.68 -7.36
CA ARG C 125 8.83 24.84 -6.93
C ARG C 125 7.30 24.78 -7.08
N LEU C 126 6.51 24.93 -6.06
CA LEU C 126 5.09 24.72 -6.06
C LEU C 126 4.45 26.09 -5.87
N GLY C 127 3.73 26.54 -6.94
CA GLY C 127 3.21 27.87 -6.84
C GLY C 127 2.16 28.03 -5.88
N ILE C 128 2.18 29.17 -5.16
CA ILE C 128 1.15 29.50 -4.23
C ILE C 128 0.45 30.91 -4.42
N GLY C 129 0.96 31.59 -5.38
CA GLY C 129 0.43 32.96 -5.66
C GLY C 129 0.98 33.96 -4.70
N LYS C 130 0.60 35.21 -4.96
CA LYS C 130 1.17 36.39 -4.31
C LYS C 130 0.10 36.90 -3.41
N PRO C 131 0.49 37.46 -2.28
CA PRO C 131 -0.53 38.12 -1.52
C PRO C 131 -0.89 39.46 -2.24
N PRO C 132 -2.12 39.99 -2.03
CA PRO C 132 -2.54 41.33 -2.48
C PRO C 132 -1.53 42.40 -2.04
N ASP C 133 -1.42 42.60 -0.71
CA ASP C 133 -0.44 43.55 -0.19
C ASP C 133 0.89 42.79 -0.14
N PRO C 134 1.92 43.24 -0.90
CA PRO C 134 3.26 42.61 -0.87
C PRO C 134 4.06 42.74 0.44
N SER C 135 3.53 43.51 1.38
CA SER C 135 4.01 43.59 2.77
C SER C 135 3.40 42.57 3.69
N ARG C 136 2.39 41.87 3.21
CA ARG C 136 1.78 40.85 4.03
C ARG C 136 2.25 39.39 3.59
N GLY C 137 3.39 39.28 2.88
CA GLY C 137 3.99 37.97 2.46
C GLY C 137 4.25 36.97 3.60
N ALA C 138 4.86 37.39 4.71
CA ALA C 138 5.01 36.52 5.89
C ALA C 138 3.70 36.06 6.42
N GLU C 139 2.66 36.90 6.39
CA GLU C 139 1.37 36.46 6.97
C GLU C 139 0.63 35.48 5.99
N TYR C 140 0.84 35.74 4.72
CA TYR C 140 0.18 35.00 3.60
C TYR C 140 0.69 33.51 3.75
N VAL C 141 2.02 33.41 3.89
CA VAL C 141 2.60 31.99 3.87
C VAL C 141 2.27 31.29 5.16
N LEU C 142 2.02 32.00 6.29
CA LEU C 142 1.54 31.43 7.52
C LEU C 142 0.06 31.26 7.79
N SER C 143 -0.68 31.43 6.72
CA SER C 143 -2.07 31.18 6.69
C SER C 143 -2.39 29.89 5.89
N PRO C 144 -3.55 29.32 6.19
CA PRO C 144 -4.15 28.26 5.35
C PRO C 144 -4.56 28.75 3.99
N PHE C 145 -4.65 27.78 3.07
CA PHE C 145 -5.22 28.10 1.77
C PHE C 145 -6.75 28.37 2.06
N ARG C 146 -7.28 29.22 1.21
CA ARG C 146 -8.72 29.49 1.19
C ARG C 146 -9.46 28.27 0.68
N GLU C 147 -10.66 28.06 1.25
CA GLU C 147 -11.62 27.03 0.83
C GLU C 147 -11.64 26.79 -0.68
N GLU C 148 -11.70 27.87 -1.43
CA GLU C 148 -11.84 27.74 -2.88
C GLU C 148 -10.57 27.32 -3.60
N GLU C 149 -9.40 27.46 -2.94
CA GLU C 149 -8.10 26.99 -3.43
C GLU C 149 -7.90 25.49 -3.14
N LEU C 150 -8.59 24.94 -2.17
CA LEU C 150 -8.35 23.58 -1.76
C LEU C 150 -8.44 22.54 -2.88
N PRO C 151 -9.34 22.73 -3.88
CA PRO C 151 -9.35 21.74 -4.97
C PRO C 151 -8.15 21.75 -5.87
N VAL C 152 -7.57 22.92 -6.06
CA VAL C 152 -6.41 23.12 -6.82
C VAL C 152 -5.21 22.55 -6.01
N VAL C 153 -5.25 22.80 -4.70
CA VAL C 153 -4.15 22.25 -3.81
C VAL C 153 -4.09 20.75 -3.97
N GLU C 154 -5.27 20.12 -3.94
CA GLU C 154 -5.35 18.65 -4.12
C GLU C 154 -4.75 18.19 -5.42
N ARG C 155 -5.08 18.84 -6.54
CA ARG C 155 -4.43 18.51 -7.80
C ARG C 155 -2.92 18.67 -7.78
N VAL C 156 -2.46 19.78 -7.19
CA VAL C 156 -1.02 20.06 -7.15
C VAL C 156 -0.31 19.02 -6.25
N LEU C 157 -0.95 18.58 -5.19
CA LEU C 157 -0.30 17.55 -4.31
C LEU C 157 -0.14 16.24 -5.02
N GLU C 158 -1.16 15.82 -5.80
CA GLU C 158 -1.10 14.56 -6.55
C GLU C 158 -0.08 14.67 -7.66
N ALA C 159 -0.01 15.82 -8.35
CA ALA C 159 0.96 15.99 -9.33
C ALA C 159 2.40 15.99 -8.79
N ALA C 160 2.55 16.72 -7.68
CA ALA C 160 3.89 16.86 -7.10
C ALA C 160 4.40 15.55 -6.54
N LYS C 161 3.48 14.73 -6.05
CA LYS C 161 3.83 13.36 -5.61
C LYS C 161 4.46 12.57 -6.74
N GLU C 162 3.75 12.61 -7.89
CA GLU C 162 4.27 11.96 -9.08
C GLU C 162 5.63 12.53 -9.55
N ALA C 163 5.74 13.87 -9.51
CA ALA C 163 6.91 14.55 -9.88
C ALA C 163 8.17 14.19 -9.01
N VAL C 164 7.93 14.04 -7.70
CA VAL C 164 9.05 13.67 -6.86
C VAL C 164 9.55 12.31 -7.26
N TRP C 165 8.63 11.34 -7.46
CA TRP C 165 9.10 10.02 -7.86
C TRP C 165 9.77 9.94 -9.19
N CYS C 166 9.23 10.78 -10.11
CA CYS C 166 9.86 10.97 -11.40
C CYS C 166 11.31 11.38 -11.24
N TRP C 167 11.54 12.41 -10.40
CA TRP C 167 12.87 12.92 -10.22
C TRP C 167 13.80 11.87 -9.62
N VAL C 168 13.30 11.12 -8.63
CA VAL C 168 14.10 10.10 -7.98
C VAL C 168 14.59 9.09 -9.04
N ARG C 169 13.67 8.70 -9.92
CA ARG C 169 14.01 7.68 -10.92
C ARG C 169 14.75 8.19 -12.13
N GLU C 170 14.49 9.38 -12.56
CA GLU C 170 14.90 9.84 -13.92
C GLU C 170 15.68 11.09 -13.92
N GLY C 171 15.87 11.72 -12.80
CA GLY C 171 16.55 13.03 -12.79
C GLY C 171 15.73 14.17 -13.30
N LEU C 172 16.31 15.36 -13.34
CA LEU C 172 15.51 16.51 -13.53
C LEU C 172 14.97 16.84 -14.99
N PRO C 173 15.88 16.82 -15.97
CA PRO C 173 15.34 17.09 -17.38
C PRO C 173 14.11 16.32 -17.86
N PRO C 174 14.05 14.98 -17.68
CA PRO C 174 12.82 14.35 -18.17
C PRO C 174 11.61 14.78 -17.42
N CYS C 175 11.80 15.05 -16.09
CA CYS C 175 10.68 15.37 -15.31
C CYS C 175 10.23 16.85 -15.51
N ALA C 176 11.16 17.80 -15.72
CA ALA C 176 10.83 19.18 -16.07
C ALA C 176 9.95 19.16 -17.42
N GLY C 177 10.42 18.30 -18.29
CA GLY C 177 9.66 18.05 -19.57
C GLY C 177 8.20 17.71 -19.35
N ARG C 178 7.91 16.79 -18.43
CA ARG C 178 6.60 16.34 -18.15
C ARG C 178 5.77 17.20 -17.25
N PHE C 179 6.37 17.98 -16.36
CA PHE C 179 5.61 18.72 -15.40
C PHE C 179 5.56 20.23 -15.51
N ASN C 180 6.61 20.83 -16.05
CA ASN C 180 6.77 22.27 -15.97
C ASN C 180 5.71 23.01 -16.75
N GLY C 181 5.11 22.32 -17.72
CA GLY C 181 4.04 22.92 -18.55
C GLY C 181 2.66 22.73 -18.02
N LEU C 182 2.48 21.89 -17.01
CA LEU C 182 1.17 21.66 -16.44
C LEU C 182 0.56 22.93 -15.86
N ASP C 183 -0.77 23.00 -15.93
CA ASP C 183 -1.51 24.03 -15.22
C ASP C 183 -2.75 23.44 -14.62
N LEU C 184 -2.71 23.23 -13.32
CA LEU C 184 -3.73 22.53 -12.60
C LEU C 184 -4.77 23.48 -11.98
N SER C 185 -4.77 24.76 -12.38
CA SER C 185 -5.80 25.71 -11.89
C SER C 185 -7.00 25.69 -12.86
P AMP D . -17.45 -19.46 -2.16
O1P AMP D . -15.96 -19.38 -1.93
O2P AMP D . -17.22 -18.43 -3.18
O3P AMP D . -18.14 -20.79 -1.80
O5' AMP D . -18.11 -18.53 -1.11
C5' AMP D . -19.53 -18.53 -1.01
C4' AMP D . -19.88 -17.26 -0.32
O4' AMP D . -19.60 -17.50 1.06
C3' AMP D . -19.23 -15.99 -0.68
O3' AMP D . -20.10 -14.85 -0.57
C2' AMP D . -18.12 -15.97 0.34
O2' AMP D . -17.61 -14.66 0.66
C1' AMP D . -18.79 -16.46 1.63
N9 AMP D . -17.89 -17.15 2.48
C8 AMP D . -17.00 -18.19 2.20
N7 AMP D . -16.27 -18.64 3.19
C5 AMP D . -16.80 -17.92 4.27
C6 AMP D . -16.45 -18.02 5.65
N6 AMP D . -15.50 -18.78 6.19
N1 AMP D . -17.28 -17.23 6.45
C2 AMP D . -18.25 -16.43 5.89
N3 AMP D . -18.55 -16.24 4.63
C4 AMP D . -17.81 -17.06 3.86
O1 TLA E . -9.68 -21.19 2.65
O11 TLA E . -10.89 -20.50 0.92
C1 TLA E . -9.91 -20.60 1.60
C2 TLA E . -8.70 -19.80 1.07
O2 TLA E . -7.52 -20.00 1.84
C3 TLA E . -8.98 -18.33 0.95
O3 TLA E . -9.12 -17.86 2.32
C4 TLA E . -7.77 -17.59 0.37
O4 TLA E . -7.04 -16.97 1.16
O41 TLA E . -7.67 -17.66 -0.87
O1 TLA F . -30.48 -21.22 5.31
O11 TLA F . -30.80 -22.39 7.10
C1 TLA F . -30.51 -22.30 5.89
C2 TLA F . -30.00 -23.54 5.21
O2 TLA F . -29.83 -23.26 3.79
C3 TLA F . -30.97 -24.64 5.43
O3 TLA F . -32.29 -24.19 5.16
C4 TLA F . -30.53 -25.76 4.56
O4 TLA F . -29.57 -26.42 5.01
O41 TLA F . -31.19 -25.98 3.48
C1 GOL G . -2.18 -0.01 8.21
O1 GOL G . -2.00 1.30 8.83
C2 GOL G . -0.93 -0.78 8.30
O2 GOL G . 0.08 -0.03 7.51
C3 GOL G . -1.15 -2.16 7.67
O3 GOL G . 0.10 -2.90 7.77
P AMP H . -6.98 -19.29 -21.53
O1P AMP H . -7.36 -17.89 -21.74
O2P AMP H . -7.60 -19.92 -20.37
O3P AMP H . -7.31 -20.00 -22.85
O5' AMP H . -5.37 -19.22 -21.29
C5' AMP H . -4.58 -19.12 -22.46
C4' AMP H . -3.18 -19.09 -21.91
O4' AMP H . -2.93 -17.69 -21.50
C3' AMP H . -2.77 -19.92 -20.73
O3' AMP H . -1.40 -20.42 -20.90
C2' AMP H . -2.78 -18.95 -19.54
O2' AMP H . -1.98 -19.33 -18.41
C1' AMP H . -2.38 -17.67 -20.20
N9 AMP H . -3.00 -16.50 -19.52
C8 AMP H . -4.35 -16.27 -19.44
N7 AMP H . -4.62 -15.16 -18.79
C5 AMP H . -3.38 -14.61 -18.48
C6 AMP H . -2.99 -13.38 -17.91
N6 AMP H . -3.85 -12.55 -17.34
N1 AMP H . -1.68 -13.10 -17.92
C2 AMP H . -0.73 -13.94 -18.46
N3 AMP H . -1.02 -15.15 -18.96
C4 AMP H . -2.35 -15.43 -19.00
C1 GOL I . -6.46 -11.31 -20.84
O1 GOL I . -6.23 -11.74 -19.53
C2 GOL I . -6.21 -12.56 -21.70
O2 GOL I . -7.12 -13.63 -21.36
C3 GOL I . -6.08 -12.16 -23.19
O3 GOL I . -7.32 -11.42 -23.48
C1 GOL J . 16.67 -20.67 -16.06
O1 GOL J . 16.75 -19.29 -16.43
C2 GOL J . 16.79 -21.63 -17.26
O2 GOL J . 15.53 -21.96 -17.87
C3 GOL J . 17.27 -23.02 -16.89
O3 GOL J . 16.99 -23.95 -17.98
#